data_4BAK
#
_entry.id   4BAK
#
_cell.length_a   69.410
_cell.length_b   71.510
_cell.length_c   72.160
_cell.angle_alpha   90.00
_cell.angle_beta   100.34
_cell.angle_gamma   90.00
#
_symmetry.space_group_name_H-M   'C 1 2 1'
#
loop_
_entity.id
_entity.type
_entity.pdbx_description
1 polymer 'THROMBIN LIGHT CHAIN'
2 polymer 'THROMBIN HEAVY CHAIN'
3 polymer 'HIRUDIN VARIANT-1'
4 non-polymer 2-acetamido-2-deoxy-beta-D-glucopyranose
5 non-polymer (2S)-N-(4-CARBAMIMIDOYLBENZYL)-1-[(2R)-2-CYCLOHEXYL-2-{[2-OXO-2-(PROPYLAMINO)ETHYL]AMINO}ACETYL]AZETIDINE-2-CARBOXAMIDE
6 non-polymer 'SODIUM ION'
7 water water
#
loop_
_entity_poly.entity_id
_entity_poly.type
_entity_poly.pdbx_seq_one_letter_code
_entity_poly.pdbx_strand_id
1 'polypeptide(L)' TFGSGEADCGLRPLFEKKSLEDKTERELLESYIDGR A
2 'polypeptide(L)'
;IVEGSDAEIGMSPWQVMLFRKSPQELLCGASLISDRWVLTAAHCLLYPPWDKNFTENDLLVRIGKHSRTRYERNIEKISM
LEKIYIHPRYNWRENLDRDIALMKLKKPVAFSDYIHPVCLPDRETAASLLQAGYKGRVTGWGNLKETWTANVGKGQPSVL
QVVNLPIVERPVCKDSTRIRITDNMFCAGYKPDEGKRGDACEGDSGGPFVMKSPFNNRWYQMGIVSWGEGCDRDGKYGFY
THVFRLKKWIQKVIDQFGE
;
B
3 'polypeptide(L)' DGDFEEIPGE(TYS)L D
#
# COMPACT_ATOMS: atom_id res chain seq x y z
N ALA A 7 -6.92 19.96 1.24
CA ALA A 7 -8.18 19.22 1.14
C ALA A 7 -8.45 18.45 2.45
N ASP A 8 -9.28 17.40 2.37
CA ASP A 8 -9.59 16.55 3.51
C ASP A 8 -8.87 15.20 3.39
N CYS A 9 -7.75 15.13 2.62
CA CYS A 9 -6.97 13.89 2.49
C CYS A 9 -6.54 13.36 3.86
N GLY A 10 -6.46 12.04 3.98
CA GLY A 10 -5.94 11.37 5.16
C GLY A 10 -6.72 11.52 6.45
N LEU A 11 -7.99 11.99 6.36
CA LEU A 11 -8.88 12.09 7.51
C LEU A 11 -10.01 11.13 7.26
N ARG A 12 -10.08 10.08 8.05
CA ARG A 12 -11.06 9.03 7.85
C ARG A 12 -12.42 9.39 8.38
N PRO A 13 -13.46 9.19 7.53
CA PRO A 13 -14.86 9.48 7.96
C PRO A 13 -15.27 8.73 9.23
N LEU A 14 -14.77 7.51 9.44
CA LEU A 14 -15.18 6.74 10.61
C LEU A 14 -14.27 6.86 11.84
N PHE A 15 -13.17 7.63 11.71
CA PHE A 15 -12.21 7.81 12.78
C PHE A 15 -11.97 9.32 13.07
N GLU A 16 -10.98 9.97 12.40
CA GLU A 16 -10.66 11.39 12.60
C GLU A 16 -11.86 12.32 12.46
N LYS A 17 -12.72 12.08 11.45
CA LYS A 17 -13.90 12.95 11.23
C LYS A 17 -14.90 12.93 12.39
N LYS A 18 -14.93 11.84 13.16
CA LYS A 18 -15.80 11.60 14.33
C LYS A 18 -15.03 11.73 15.63
N SER A 19 -13.70 11.99 15.59
CA SER A 19 -12.80 12.00 16.76
C SER A 19 -12.82 10.63 17.47
N LEU A 20 -12.83 9.54 16.66
CA LEU A 20 -12.73 8.17 17.19
C LEU A 20 -11.34 7.65 16.82
N GLU A 21 -10.69 6.94 17.71
CA GLU A 21 -9.36 6.39 17.43
C GLU A 21 -9.48 4.91 17.09
N ASP A 22 -8.63 4.41 16.16
CA ASP A 22 -8.64 2.98 15.90
C ASP A 22 -7.84 2.29 17.02
N LYS A 23 -7.91 0.97 17.11
CA LYS A 23 -7.29 0.17 18.19
C LYS A 23 -5.77 0.21 18.29
N THR A 24 -5.06 0.52 17.20
CA THR A 24 -3.59 0.50 17.26
C THR A 24 -2.90 1.80 16.87
N GLU A 25 -3.65 2.85 16.52
CA GLU A 25 -2.98 4.10 16.12
C GLU A 25 -2.10 4.74 17.22
N ARG A 26 -2.42 4.49 18.51
CA ARG A 26 -1.61 4.98 19.63
C ARG A 26 -0.18 4.38 19.58
N GLU A 27 -0.06 3.10 19.14
CA GLU A 27 1.24 2.44 18.96
C GLU A 27 2.14 3.29 17.99
N LEU A 28 1.54 3.84 16.92
CA LEU A 28 2.29 4.67 15.97
C LEU A 28 2.71 5.98 16.63
N LEU A 29 1.76 6.66 17.28
CA LEU A 29 2.03 7.92 17.97
C LEU A 29 3.14 7.75 19.02
N GLU A 30 3.06 6.67 19.82
CA GLU A 30 4.08 6.40 20.87
C GLU A 30 5.47 6.17 20.27
N SER A 31 5.55 5.70 19.00
CA SER A 31 6.85 5.51 18.35
C SER A 31 7.45 6.83 17.82
N TYR A 32 6.65 7.91 17.76
CA TYR A 32 7.13 9.21 17.22
C TYR A 32 7.68 9.99 18.40
N ILE A 33 8.86 9.54 18.88
CA ILE A 33 9.52 9.99 20.11
C ILE A 33 10.29 11.31 19.97
N ASP A 34 13.78 10.68 17.00
N ILE B 1 -0.40 -10.26 4.28
CA ILE B 1 0.16 -9.79 5.53
C ILE B 1 0.35 -10.97 6.46
N VAL B 2 1.56 -11.10 6.99
CA VAL B 2 1.93 -12.17 7.92
C VAL B 2 1.99 -11.58 9.31
N GLU B 3 1.37 -12.25 10.29
CA GLU B 3 1.40 -11.83 11.70
C GLU B 3 0.77 -10.46 11.94
N GLY B 4 -0.28 -10.18 11.17
CA GLY B 4 -1.08 -8.96 11.31
C GLY B 4 -2.38 -9.26 12.03
N SER B 5 -3.36 -8.39 11.85
CA SER B 5 -4.68 -8.51 12.48
C SER B 5 -5.73 -8.10 11.48
N ASP B 6 -7.00 -8.47 11.72
CA ASP B 6 -8.08 -8.00 10.85
C ASP B 6 -8.20 -6.51 11.03
N ALA B 7 -8.35 -5.78 9.93
CA ALA B 7 -8.56 -4.33 9.96
C ALA B 7 -9.93 -4.05 10.56
N GLU B 8 -10.11 -2.85 11.09
CA GLU B 8 -11.43 -2.39 11.54
C GLU B 8 -12.14 -1.84 10.32
N ILE B 9 -13.47 -1.76 10.36
CA ILE B 9 -14.26 -1.19 9.27
C ILE B 9 -13.88 0.31 9.13
N GLY B 10 -13.56 0.74 7.89
CA GLY B 10 -13.21 2.11 7.57
C GLY B 10 -11.84 2.58 8.06
N MET B 11 -11.02 1.63 8.51
CA MET B 11 -9.66 1.90 9.04
C MET B 11 -8.67 2.36 7.97
N SER B 12 -8.83 1.87 6.74
CA SER B 12 -7.89 2.20 5.64
C SER B 12 -8.74 2.51 4.40
N PRO B 13 -9.48 3.65 4.41
CA PRO B 13 -10.46 3.90 3.32
C PRO B 13 -9.86 4.23 1.97
N TRP B 14 -8.53 4.39 1.92
CA TRP B 14 -7.77 4.62 0.70
C TRP B 14 -7.29 3.27 0.14
N GLN B 15 -7.56 2.14 0.83
CA GLN B 15 -7.11 0.84 0.36
C GLN B 15 -7.80 0.44 -0.93
N VAL B 16 -7.02 0.08 -1.94
CA VAL B 16 -7.57 -0.33 -3.23
C VAL B 16 -7.15 -1.77 -3.49
N MET B 17 -8.06 -2.57 -4.08
CA MET B 17 -7.71 -3.91 -4.53
C MET B 17 -7.55 -3.84 -6.07
N LEU B 18 -6.39 -4.29 -6.58
CA LEU B 18 -6.21 -4.39 -8.03
C LEU B 18 -6.71 -5.79 -8.35
N PHE B 19 -7.73 -5.87 -9.19
CA PHE B 19 -8.40 -7.16 -9.44
C PHE B 19 -8.32 -7.60 -10.89
N ARG B 20 -7.82 -8.83 -11.11
CA ARG B 20 -7.69 -9.39 -12.47
C ARG B 20 -9.06 -9.89 -12.92
N LYS B 21 -9.49 -9.47 -14.11
CA LYS B 21 -10.79 -9.83 -14.71
C LYS B 21 -10.88 -11.32 -15.05
N SER B 22 -9.82 -11.89 -15.66
CA SER B 22 -9.80 -13.31 -16.06
C SER B 22 -8.39 -13.92 -16.03
N PRO B 23 -8.13 -14.92 -15.13
CA PRO B 23 -9.02 -15.50 -14.11
C PRO B 23 -9.31 -14.45 -13.02
N GLN B 24 -10.50 -14.52 -12.40
CA GLN B 24 -10.93 -13.59 -11.34
C GLN B 24 -10.09 -13.81 -10.11
N GLU B 25 -9.10 -12.92 -9.90
CA GLU B 25 -8.19 -13.03 -8.77
C GLU B 25 -7.58 -11.70 -8.34
N LEU B 26 -7.03 -11.71 -7.10
CA LEU B 26 -6.34 -10.57 -6.52
C LEU B 26 -5.03 -10.41 -7.27
N LEU B 27 -4.83 -9.22 -7.83
CA LEU B 27 -3.61 -8.88 -8.55
C LEU B 27 -2.60 -8.20 -7.60
N CYS B 28 -3.05 -7.23 -6.76
CA CYS B 28 -2.16 -6.43 -5.92
C CYS B 28 -3.00 -5.51 -5.04
N GLY B 29 -2.33 -4.82 -4.12
CA GLY B 29 -2.92 -3.74 -3.35
C GLY B 29 -2.61 -2.47 -4.16
N ALA B 30 -3.17 -1.36 -3.71
CA ALA B 30 -3.01 -0.06 -4.31
C ALA B 30 -3.62 0.97 -3.35
N SER B 31 -3.55 2.26 -3.69
CA SER B 31 -4.10 3.28 -2.80
C SER B 31 -4.78 4.39 -3.56
N LEU B 32 -5.82 4.97 -2.96
CA LEU B 32 -6.57 6.07 -3.55
C LEU B 32 -5.93 7.39 -3.14
N ILE B 33 -5.45 8.18 -4.11
CA ILE B 33 -4.79 9.46 -3.85
C ILE B 33 -5.62 10.71 -4.22
N SER B 34 -6.68 10.52 -5.00
CA SER B 34 -7.65 11.55 -5.38
C SER B 34 -8.89 10.83 -5.85
N ASP B 35 -9.92 11.56 -6.33
CA ASP B 35 -11.12 10.90 -6.85
C ASP B 35 -10.86 10.18 -8.18
N ARG B 36 -9.73 10.49 -8.87
CA ARG B 36 -9.41 9.88 -10.16
C ARG B 36 -8.07 9.15 -10.25
N TRP B 37 -7.22 9.26 -9.23
CA TRP B 37 -5.88 8.65 -9.30
C TRP B 37 -5.63 7.60 -8.25
N VAL B 38 -5.03 6.48 -8.72
CA VAL B 38 -4.69 5.33 -7.90
C VAL B 38 -3.17 5.06 -8.01
N LEU B 39 -2.52 4.89 -6.84
CA LEU B 39 -1.09 4.65 -6.73
C LEU B 39 -0.82 3.19 -6.42
N THR B 40 0.16 2.60 -7.12
CA THR B 40 0.52 1.21 -6.90
C THR B 40 2.04 0.99 -7.18
N ALA B 41 2.48 -0.27 -7.17
CA ALA B 41 3.87 -0.62 -7.45
C ALA B 41 3.93 -0.99 -8.91
N ALA B 42 4.95 -0.51 -9.63
CA ALA B 42 5.09 -0.86 -11.05
C ALA B 42 5.12 -2.38 -11.30
N HIS B 43 5.73 -3.17 -10.38
CA HIS B 43 5.85 -4.62 -10.55
C HIS B 43 4.52 -5.34 -10.56
N CYS B 44 3.45 -4.68 -10.06
CA CYS B 44 2.10 -5.23 -10.10
C CYS B 44 1.62 -5.28 -11.54
N LEU B 45 2.10 -4.34 -12.37
CA LEU B 45 1.65 -4.19 -13.75
C LEU B 45 2.66 -4.69 -14.77
N LEU B 46 3.96 -4.49 -14.51
CA LEU B 46 5.01 -4.89 -15.41
C LEU B 46 6.11 -5.61 -14.68
N TYR B 47 6.27 -6.90 -14.98
CA TYR B 47 7.33 -7.69 -14.39
C TYR B 47 7.76 -8.80 -15.34
N PRO B 48 8.61 -8.45 -16.34
CA PRO B 48 9.07 -9.45 -17.34
C PRO B 48 9.62 -10.78 -16.83
N PRO B 49 10.36 -10.89 -15.69
CA PRO B 49 10.79 -12.20 -15.24
C PRO B 49 9.65 -13.22 -15.04
N TRP B 50 8.43 -12.75 -14.74
CA TRP B 50 7.27 -13.61 -14.52
C TRP B 50 6.21 -13.47 -15.61
N ASP B 51 6.59 -12.86 -16.78
CA ASP B 51 5.70 -12.61 -17.93
C ASP B 51 4.48 -11.77 -17.56
N LYS B 52 4.68 -10.84 -16.62
CA LYS B 52 3.59 -9.96 -16.19
C LYS B 52 3.70 -8.67 -17.00
N ASN B 53 2.62 -8.33 -17.72
CA ASN B 53 2.51 -7.11 -18.50
C ASN B 53 1.04 -6.81 -18.69
N PHE B 54 0.38 -6.31 -17.63
CA PHE B 54 -1.05 -5.98 -17.71
C PHE B 54 -1.32 -4.67 -18.39
N THR B 55 -2.37 -4.64 -19.24
CA THR B 55 -2.82 -3.41 -19.89
C THR B 55 -4.08 -2.93 -19.13
N GLU B 56 -4.56 -1.73 -19.44
CA GLU B 56 -5.75 -1.13 -18.79
C GLU B 56 -6.94 -2.06 -18.70
N ASN B 57 -7.32 -2.68 -19.83
CA ASN B 57 -8.51 -3.53 -19.89
C ASN B 57 -8.40 -4.86 -19.19
N ASP B 58 -7.19 -5.25 -18.74
CA ASP B 58 -6.98 -6.52 -18.05
C ASP B 58 -7.48 -6.52 -16.62
N LEU B 59 -7.64 -5.33 -16.03
CA LEU B 59 -8.03 -5.26 -14.63
C LEU B 59 -9.06 -4.21 -14.25
N LEU B 60 -9.51 -4.31 -13.00
CA LEU B 60 -10.46 -3.42 -12.38
C LEU B 60 -9.89 -2.94 -11.03
N VAL B 61 -10.27 -1.73 -10.60
CA VAL B 61 -9.90 -1.26 -9.26
C VAL B 61 -11.16 -1.37 -8.37
N ARG B 62 -11.03 -2.05 -7.21
CA ARG B 62 -12.12 -2.24 -6.25
C ARG B 62 -11.81 -1.46 -4.96
N ILE B 63 -12.57 -0.39 -4.72
CA ILE B 63 -12.37 0.56 -3.61
C ILE B 63 -13.48 0.43 -2.56
N GLY B 64 -13.12 0.63 -1.30
CA GLY B 64 -14.03 0.55 -0.16
C GLY B 64 -14.21 -0.84 0.40
N LYS B 65 -13.34 -1.77 0.00
CA LYS B 65 -13.46 -3.17 0.40
C LYS B 65 -12.91 -3.48 1.78
N HIS B 66 -13.43 -4.57 2.33
CA HIS B 66 -12.98 -5.14 3.60
C HIS B 66 -12.79 -6.64 3.38
N SER B 67 -13.87 -7.33 2.99
CA SER B 67 -13.81 -8.76 2.67
C SER B 67 -12.92 -8.95 1.44
N ARG B 68 -12.09 -9.99 1.44
CA ARG B 68 -11.23 -10.26 0.29
C ARG B 68 -12.04 -10.72 -0.92
N THR B 69 -12.82 -11.82 -0.75
CA THR B 69 -13.57 -12.47 -1.84
C THR B 69 -14.99 -12.02 -2.15
N ARG B 70 -15.74 -11.53 -1.14
CA ARG B 70 -17.14 -11.17 -1.37
C ARG B 70 -17.30 -9.92 -2.16
N TYR B 71 -18.40 -9.84 -2.93
CA TYR B 71 -18.83 -8.65 -3.62
C TYR B 71 -19.62 -7.84 -2.58
N GLU B 72 -19.04 -6.72 -2.14
CA GLU B 72 -19.58 -5.88 -1.06
C GLU B 72 -20.54 -4.85 -1.57
N ARG B 73 -21.74 -5.35 -1.92
CA ARG B 73 -22.86 -4.61 -2.48
C ARG B 73 -23.17 -3.40 -1.58
N ASN B 74 -23.32 -2.21 -2.19
CA ASN B 74 -23.61 -0.90 -1.58
C ASN B 74 -22.43 -0.30 -0.78
N ILE B 75 -21.27 -0.95 -0.80
CA ILE B 75 -20.11 -0.51 -0.02
C ILE B 75 -18.94 -0.26 -0.97
N GLU B 76 -18.45 -1.35 -1.60
CA GLU B 76 -17.35 -1.18 -2.55
C GLU B 76 -17.82 -0.55 -3.85
N LYS B 77 -16.90 0.14 -4.53
CA LYS B 77 -17.10 0.73 -5.84
C LYS B 77 -16.05 0.11 -6.77
N ILE B 78 -16.49 -0.30 -7.98
CA ILE B 78 -15.60 -0.94 -8.96
C ILE B 78 -15.37 0.02 -10.11
N SER B 79 -14.10 0.37 -10.37
CA SER B 79 -13.74 1.33 -11.40
C SER B 79 -12.86 0.75 -12.49
N MET B 80 -12.99 1.29 -13.69
CA MET B 80 -12.21 0.87 -14.84
C MET B 80 -11.07 1.83 -15.02
N LEU B 81 -9.98 1.33 -15.61
CA LEU B 81 -8.81 2.14 -15.86
C LEU B 81 -8.85 2.80 -17.20
N GLU B 82 -8.53 4.09 -17.23
CA GLU B 82 -8.40 4.92 -18.41
C GLU B 82 -6.97 4.72 -18.93
N LYS B 83 -5.96 4.91 -18.05
CA LYS B 83 -4.55 4.79 -18.42
C LYS B 83 -3.63 4.46 -17.23
N ILE B 84 -2.60 3.64 -17.51
CA ILE B 84 -1.53 3.23 -16.58
C ILE B 84 -0.30 4.06 -16.95
N TYR B 85 0.45 4.51 -15.93
CA TYR B 85 1.69 5.27 -16.10
C TYR B 85 2.70 4.62 -15.19
N ILE B 86 3.70 3.95 -15.75
CA ILE B 86 4.76 3.28 -14.98
C ILE B 86 5.97 4.24 -14.96
N HIS B 87 6.68 4.37 -13.81
CA HIS B 87 7.87 5.24 -13.77
C HIS B 87 8.82 4.90 -14.96
N PRO B 88 9.30 5.88 -15.78
CA PRO B 88 10.17 5.51 -16.92
C PRO B 88 11.52 4.93 -16.49
N ARG B 89 11.96 5.14 -15.23
CA ARG B 89 13.22 4.54 -14.75
C ARG B 89 13.02 3.41 -13.76
N TYR B 90 11.82 2.79 -13.77
CA TYR B 90 11.55 1.62 -12.93
C TYR B 90 12.55 0.48 -13.32
N ASN B 91 13.29 -0.05 -12.33
CA ASN B 91 14.32 -1.08 -12.53
C ASN B 91 13.87 -2.49 -12.18
N TRP B 92 13.14 -3.15 -13.08
CA TRP B 92 12.69 -4.53 -12.81
C TRP B 92 13.81 -5.57 -12.97
N ARG B 93 14.92 -5.20 -13.65
CA ARG B 93 16.01 -6.16 -13.91
C ARG B 93 16.80 -6.55 -12.69
N GLU B 94 16.97 -5.61 -11.77
CA GLU B 94 17.83 -5.82 -10.63
C GLU B 94 17.18 -5.81 -9.23
N ASN B 95 16.69 -4.65 -8.81
CA ASN B 95 16.24 -4.47 -7.41
C ASN B 95 14.91 -3.78 -7.23
N LEU B 96 14.15 -3.58 -8.33
CA LEU B 96 12.83 -2.93 -8.32
C LEU B 96 12.97 -1.45 -7.89
N ASP B 97 14.11 -0.83 -8.27
CA ASP B 97 14.31 0.58 -7.99
C ASP B 97 13.22 1.35 -8.74
N ARG B 98 12.64 2.39 -8.07
CA ARG B 98 11.54 3.23 -8.55
C ARG B 98 10.32 2.37 -8.90
N ASP B 99 9.94 1.48 -7.96
CA ASP B 99 8.81 0.55 -8.14
C ASP B 99 7.52 1.30 -7.86
N ILE B 100 7.09 2.09 -8.86
CA ILE B 100 5.94 2.96 -8.71
C ILE B 100 5.17 3.09 -10.01
N ALA B 101 3.85 3.14 -9.90
CA ALA B 101 3.00 3.35 -11.05
C ALA B 101 1.75 4.11 -10.64
N LEU B 102 1.18 4.89 -11.58
CA LEU B 102 -0.09 5.57 -11.37
C LEU B 102 -1.10 4.97 -12.35
N MET B 103 -2.38 5.00 -11.94
CA MET B 103 -3.52 4.54 -12.75
C MET B 103 -4.59 5.61 -12.69
N LYS B 104 -5.00 6.10 -13.86
CA LYS B 104 -6.06 7.09 -13.98
C LYS B 104 -7.35 6.33 -14.20
N LEU B 105 -8.38 6.68 -13.39
CA LEU B 105 -9.68 6.03 -13.49
C LEU B 105 -10.49 6.67 -14.58
N LYS B 106 -11.34 5.89 -15.26
CA LYS B 106 -12.19 6.41 -16.33
C LYS B 106 -13.18 7.45 -15.78
N LYS B 107 -13.75 7.21 -14.60
CA LYS B 107 -14.70 8.15 -13.97
C LYS B 107 -14.25 8.43 -12.53
N PRO B 108 -14.54 9.62 -11.97
CA PRO B 108 -14.17 9.85 -10.56
C PRO B 108 -14.98 8.96 -9.61
N VAL B 109 -14.34 8.53 -8.52
CA VAL B 109 -14.98 7.70 -7.51
C VAL B 109 -15.65 8.61 -6.49
N ALA B 110 -16.87 8.24 -6.07
CA ALA B 110 -17.57 9.02 -5.06
C ALA B 110 -17.07 8.60 -3.68
N PHE B 111 -16.68 9.58 -2.86
CA PHE B 111 -16.18 9.30 -1.50
C PHE B 111 -17.32 8.93 -0.60
N SER B 112 -17.05 8.10 0.40
CA SER B 112 -18.06 7.58 1.32
C SER B 112 -17.36 7.34 2.65
N ASP B 113 -18.05 6.68 3.60
CA ASP B 113 -17.44 6.32 4.88
C ASP B 113 -16.28 5.31 4.70
N TYR B 114 -16.31 4.55 3.59
CA TYR B 114 -15.38 3.46 3.33
C TYR B 114 -14.33 3.78 2.25
N ILE B 115 -14.51 4.92 1.55
CA ILE B 115 -13.72 5.39 0.39
C ILE B 115 -13.30 6.81 0.60
N HIS B 116 -11.98 7.02 0.73
CA HIS B 116 -11.44 8.34 1.04
C HIS B 116 -9.96 8.37 0.71
N PRO B 117 -9.43 9.43 0.10
CA PRO B 117 -8.00 9.41 -0.25
C PRO B 117 -7.03 9.65 0.90
N VAL B 118 -5.84 9.10 0.74
CA VAL B 118 -4.76 9.27 1.71
C VAL B 118 -3.94 10.50 1.23
N CYS B 119 -3.22 11.19 2.12
CA CYS B 119 -2.33 12.27 1.69
C CYS B 119 -1.02 11.72 1.16
N LEU B 120 -0.37 12.55 0.32
CA LEU B 120 1.00 12.30 -0.12
C LEU B 120 1.90 13.25 0.62
N PRO B 121 3.06 12.78 1.13
CA PRO B 121 3.90 13.67 1.94
C PRO B 121 4.60 14.77 1.16
N ASP B 122 4.90 15.89 1.82
CA ASP B 122 5.75 16.93 1.24
C ASP B 122 7.14 16.72 1.87
N ARG B 123 8.14 17.56 1.53
CA ARG B 123 9.50 17.41 2.06
C ARG B 123 9.59 17.37 3.57
N GLU B 124 8.86 18.27 4.25
CA GLU B 124 8.89 18.34 5.72
C GLU B 124 8.22 17.13 6.38
N THR B 125 7.08 16.66 5.81
CA THR B 125 6.40 15.46 6.34
C THR B 125 7.40 14.28 6.34
N ALA B 126 8.05 14.05 5.18
CA ALA B 126 9.03 12.99 5.00
C ALA B 126 10.21 13.11 5.94
N ALA B 127 10.77 14.33 6.08
CA ALA B 127 11.91 14.54 6.98
C ALA B 127 11.53 14.27 8.44
N SER B 128 10.33 14.68 8.86
CA SER B 128 9.88 14.48 10.24
C SER B 128 9.40 13.08 10.61
N LEU B 129 8.83 12.31 9.66
CA LEU B 129 8.31 10.96 9.93
C LEU B 129 9.22 9.77 9.56
N LEU B 130 10.00 9.90 8.49
CA LEU B 130 10.86 8.81 8.01
C LEU B 130 12.15 8.66 8.78
N GLN B 131 12.01 8.18 10.00
CA GLN B 131 13.05 8.03 10.99
C GLN B 131 13.02 6.63 11.53
N ALA B 132 14.22 6.03 11.66
CA ALA B 132 14.40 4.70 12.24
C ALA B 132 13.67 4.62 13.60
N GLY B 133 12.90 3.57 13.80
CA GLY B 133 12.10 3.38 15.03
C GLY B 133 10.66 3.86 14.94
N TYR B 134 10.40 4.88 14.11
CA TYR B 134 9.04 5.42 13.90
C TYR B 134 8.24 4.38 13.17
N LYS B 135 7.03 4.12 13.65
CA LYS B 135 6.21 3.10 13.05
C LYS B 135 5.24 3.58 11.99
N GLY B 136 5.10 2.75 10.98
CA GLY B 136 4.13 2.92 9.92
C GLY B 136 3.19 1.74 9.94
N ARG B 137 2.18 1.76 9.07
CA ARG B 137 1.13 0.75 8.97
C ARG B 137 1.00 0.25 7.55
N VAL B 138 0.99 -1.08 7.41
CA VAL B 138 0.88 -1.75 6.13
C VAL B 138 -0.42 -2.54 6.10
N THR B 139 -1.16 -2.47 4.99
CA THR B 139 -2.42 -3.20 4.85
C THR B 139 -2.47 -3.98 3.52
N GLY B 140 -3.24 -5.07 3.50
CA GLY B 140 -3.40 -5.83 2.28
C GLY B 140 -4.16 -7.14 2.45
N TRP B 141 -4.53 -7.75 1.33
CA TRP B 141 -5.24 -9.04 1.29
C TRP B 141 -4.33 -10.16 0.85
N GLY B 142 -3.01 -9.95 0.96
CA GLY B 142 -2.02 -10.94 0.56
C GLY B 142 -1.88 -12.10 1.51
N ASN B 143 -0.95 -13.01 1.18
CA ASN B 143 -0.72 -14.22 1.97
C ASN B 143 -0.54 -13.99 3.48
N LEU B 144 -1.15 -14.88 4.27
CA LEU B 144 -1.01 -14.87 5.71
C LEU B 144 0.31 -15.51 6.13
N LYS B 145 0.92 -16.29 5.22
CA LYS B 145 2.16 -17.01 5.49
C LYS B 145 2.98 -17.06 4.21
N GLU B 146 4.32 -17.15 4.33
CA GLU B 146 5.22 -17.27 3.18
C GLU B 146 4.91 -18.57 2.41
N THR B 147 4.78 -19.69 3.14
CA THR B 147 4.44 -20.99 2.55
C THR B 147 2.98 -21.33 2.85
N TRP B 148 2.66 -21.68 4.02
N GLY B 155 -4.13 -19.64 4.81
CA GLY B 155 -3.24 -19.11 3.78
C GLY B 155 -3.65 -17.74 3.25
N GLN B 156 -4.94 -17.60 2.92
CA GLN B 156 -5.50 -16.35 2.40
C GLN B 156 -6.49 -15.78 3.45
N PRO B 157 -6.47 -14.46 3.75
CA PRO B 157 -7.39 -13.93 4.77
C PRO B 157 -8.81 -13.76 4.28
N SER B 158 -9.78 -13.74 5.21
CA SER B 158 -11.16 -13.46 4.80
C SER B 158 -11.37 -11.95 4.68
N VAL B 159 -10.68 -11.15 5.51
CA VAL B 159 -10.82 -9.69 5.45
C VAL B 159 -9.45 -8.99 5.37
N LEU B 160 -9.46 -7.69 5.03
CA LEU B 160 -8.26 -6.85 4.98
C LEU B 160 -7.43 -7.03 6.27
N GLN B 161 -6.13 -7.20 6.11
CA GLN B 161 -5.21 -7.37 7.23
C GLN B 161 -4.38 -6.10 7.46
N VAL B 162 -3.96 -5.89 8.71
CA VAL B 162 -3.20 -4.72 9.13
C VAL B 162 -2.00 -5.13 9.99
N VAL B 163 -0.87 -4.43 9.80
CA VAL B 163 0.30 -4.60 10.65
C VAL B 163 1.03 -3.28 10.84
N ASN B 164 1.45 -2.97 12.08
CA ASN B 164 2.23 -1.76 12.36
C ASN B 164 3.67 -2.20 12.47
N LEU B 165 4.60 -1.51 11.78
CA LEU B 165 6.00 -1.89 11.71
C LEU B 165 6.93 -0.70 11.79
N PRO B 166 8.07 -0.86 12.52
CA PRO B 166 9.03 0.25 12.63
C PRO B 166 9.95 0.36 11.41
N ILE B 167 10.27 1.61 11.02
CA ILE B 167 11.23 1.88 9.95
C ILE B 167 12.61 1.46 10.51
N VAL B 168 13.42 0.81 9.68
CA VAL B 168 14.72 0.29 10.10
C VAL B 168 15.85 1.17 9.55
N GLU B 169 16.95 1.32 10.34
CA GLU B 169 18.15 2.08 9.99
C GLU B 169 18.67 1.56 8.64
N ARG B 170 19.07 2.48 7.74
CA ARG B 170 19.58 2.12 6.40
C ARG B 170 20.75 1.09 6.45
N PRO B 171 21.77 1.22 7.35
CA PRO B 171 22.82 0.19 7.42
C PRO B 171 22.30 -1.20 7.77
N VAL B 172 21.29 -1.30 8.65
CA VAL B 172 20.71 -2.58 9.03
C VAL B 172 19.94 -3.19 7.84
N CYS B 173 19.19 -2.35 7.07
CA CYS B 173 18.49 -2.79 5.86
C CYS B 173 19.54 -3.38 4.87
N LYS B 174 20.63 -2.61 4.62
CA LYS B 174 21.72 -2.95 3.71
C LYS B 174 22.39 -4.29 4.10
N ASP B 175 22.66 -4.46 5.39
CA ASP B 175 23.30 -5.65 5.97
C ASP B 175 22.44 -6.90 6.06
N SER B 176 21.13 -6.78 5.76
CA SER B 176 20.22 -7.91 5.83
C SER B 176 20.15 -8.66 4.51
N THR B 177 20.68 -8.05 3.43
CA THR B 177 20.50 -8.58 2.08
C THR B 177 21.72 -8.45 1.17
N ARG B 178 21.78 -9.28 0.13
CA ARG B 178 22.85 -9.20 -0.88
C ARG B 178 22.41 -8.26 -1.97
N ILE B 179 21.12 -7.85 -1.98
CA ILE B 179 20.57 -6.93 -3.00
C ILE B 179 21.01 -5.50 -2.72
N ARG B 180 21.33 -4.75 -3.79
CA ARG B 180 21.71 -3.34 -3.66
C ARG B 180 20.47 -2.49 -3.36
N ILE B 181 20.51 -1.73 -2.26
CA ILE B 181 19.42 -0.85 -1.80
C ILE B 181 19.66 0.57 -2.29
N THR B 182 18.62 1.24 -2.81
CA THR B 182 18.80 2.60 -3.32
C THR B 182 18.14 3.60 -2.37
N ASP B 183 18.32 4.92 -2.63
CA ASP B 183 17.70 6.00 -1.84
C ASP B 183 16.19 6.06 -2.08
N ASN B 184 15.70 5.35 -3.12
CA ASN B 184 14.27 5.31 -3.49
C ASN B 184 13.53 4.21 -2.72
N MET B 185 14.21 3.58 -1.77
CA MET B 185 13.67 2.49 -0.95
C MET B 185 13.95 2.75 0.51
N PHE B 186 13.13 2.14 1.37
CA PHE B 186 13.37 2.08 2.79
C PHE B 186 12.90 0.71 3.23
N CYS B 187 13.41 0.26 4.37
CA CYS B 187 12.95 -1.02 4.88
C CYS B 187 12.32 -0.89 6.25
N ALA B 188 11.42 -1.81 6.57
CA ALA B 188 10.68 -1.81 7.83
C ALA B 188 10.41 -3.23 8.33
N GLY B 189 10.30 -3.35 9.64
CA GLY B 189 10.01 -4.59 10.33
C GLY B 189 10.78 -4.68 11.62
N TYR B 190 10.42 -5.66 12.44
CA TYR B 190 11.09 -5.86 13.72
C TYR B 190 12.37 -6.68 13.56
N LYS B 191 13.32 -6.48 14.48
CA LYS B 191 14.58 -7.25 14.55
C LYS B 191 14.31 -8.54 15.33
N PRO B 192 15.11 -9.63 15.19
CA PRO B 192 14.85 -10.86 15.97
C PRO B 192 14.84 -10.61 17.48
N ASP B 193 15.61 -9.60 17.95
CA ASP B 193 15.73 -9.19 19.36
C ASP B 193 14.48 -8.44 19.89
N GLU B 194 13.65 -7.88 18.98
CA GLU B 194 12.44 -7.13 19.35
C GLU B 194 11.24 -8.00 19.76
N GLY B 195 11.31 -9.31 19.51
CA GLY B 195 10.26 -10.27 19.84
C GLY B 195 9.04 -10.25 18.94
N LYS B 196 8.54 -9.04 18.61
CA LYS B 196 7.39 -8.79 17.76
C LYS B 196 7.69 -9.15 16.32
N ARG B 197 6.64 -9.55 15.59
CA ARG B 197 6.74 -10.03 14.21
C ARG B 197 5.88 -9.15 13.29
N GLY B 198 5.85 -9.53 12.02
CA GLY B 198 5.01 -8.85 11.05
C GLY B 198 5.73 -8.49 9.78
N ASP B 199 5.00 -8.59 8.65
CA ASP B 199 5.51 -8.27 7.32
C ASP B 199 4.42 -8.30 6.29
N ALA B 200 4.69 -7.63 5.15
CA ALA B 200 3.88 -7.72 3.97
C ALA B 200 4.31 -9.04 3.29
N CYS B 201 3.51 -9.55 2.37
CA CYS B 201 3.84 -10.80 1.67
C CYS B 201 3.26 -10.74 0.25
N GLU B 202 3.35 -11.85 -0.54
CA GLU B 202 2.76 -11.91 -1.90
C GLU B 202 1.27 -11.50 -1.85
N GLY B 203 0.86 -10.66 -2.79
CA GLY B 203 -0.50 -10.15 -2.85
C GLY B 203 -0.69 -8.80 -2.17
N ASP B 204 0.25 -8.40 -1.27
CA ASP B 204 0.25 -7.10 -0.57
C ASP B 204 0.95 -6.03 -1.38
N SER B 205 1.74 -6.45 -2.40
CA SER B 205 2.48 -5.53 -3.28
C SER B 205 1.58 -4.45 -3.79
N GLY B 206 2.13 -3.25 -3.88
CA GLY B 206 1.37 -2.12 -4.40
C GLY B 206 0.57 -1.40 -3.34
N GLY B 207 0.40 -2.03 -2.17
CA GLY B 207 -0.35 -1.47 -1.05
C GLY B 207 0.40 -0.37 -0.35
N PRO B 208 -0.30 0.39 0.52
CA PRO B 208 0.35 1.51 1.19
C PRO B 208 1.02 1.23 2.53
N PHE B 209 2.14 1.94 2.80
CA PHE B 209 2.81 1.99 4.11
C PHE B 209 2.46 3.43 4.55
N VAL B 210 1.58 3.56 5.56
CA VAL B 210 1.09 4.88 6.01
C VAL B 210 1.57 5.24 7.40
N MET B 211 1.56 6.55 7.68
CA MET B 211 1.92 7.05 9.01
C MET B 211 0.96 8.15 9.36
N LYS B 212 0.62 8.27 10.65
CA LYS B 212 -0.30 9.33 11.05
C LYS B 212 0.50 10.50 11.61
N SER B 213 0.48 11.64 10.92
CA SER B 213 1.24 12.79 11.38
C SER B 213 0.76 13.26 12.78
N PRO B 214 1.68 13.36 13.75
CA PRO B 214 1.30 13.88 15.07
C PRO B 214 1.09 15.41 15.06
N PHE B 215 1.44 16.09 13.95
CA PHE B 215 1.35 17.53 13.78
C PHE B 215 -0.03 17.99 13.32
N ASN B 216 -0.61 17.31 12.30
CA ASN B 216 -1.92 17.70 11.76
C ASN B 216 -2.96 16.56 11.81
N ASN B 217 -2.59 15.43 12.43
CA ASN B 217 -3.44 14.24 12.62
C ASN B 217 -4.01 13.62 11.33
N ARG B 218 -3.25 13.76 10.24
CA ARG B 218 -3.61 13.22 8.93
C ARG B 218 -2.73 12.04 8.58
N TRP B 219 -3.29 11.10 7.82
CA TRP B 219 -2.55 9.94 7.36
C TRP B 219 -1.86 10.25 6.09
N TYR B 220 -0.57 9.92 6.04
CA TYR B 220 0.29 10.10 4.88
C TYR B 220 0.82 8.76 4.36
N GLN B 221 0.82 8.57 3.02
CA GLN B 221 1.41 7.37 2.42
C GLN B 221 2.91 7.65 2.19
N MET B 222 3.74 7.03 3.01
CA MET B 222 5.18 7.19 2.94
C MET B 222 5.79 6.13 2.04
N GLY B 223 5.18 4.94 1.98
CA GLY B 223 5.73 3.84 1.20
C GLY B 223 4.74 3.04 0.39
N ILE B 224 5.28 2.23 -0.51
CA ILE B 224 4.50 1.29 -1.32
C ILE B 224 5.13 -0.08 -1.10
N VAL B 225 4.31 -1.11 -0.79
CA VAL B 225 4.81 -2.48 -0.63
C VAL B 225 5.53 -2.88 -1.92
N SER B 226 6.85 -3.11 -1.83
CA SER B 226 7.63 -3.41 -3.02
C SER B 226 8.17 -4.83 -3.07
N TRP B 227 9.08 -5.19 -2.17
CA TRP B 227 9.70 -6.49 -2.24
C TRP B 227 10.25 -6.96 -0.93
N GLY B 228 10.69 -8.19 -0.94
CA GLY B 228 11.29 -8.84 0.22
C GLY B 228 11.85 -10.16 -0.27
N GLU B 229 12.50 -10.88 0.63
CA GLU B 229 13.07 -12.21 0.34
C GLU B 229 12.39 -13.10 1.36
N GLY B 230 11.36 -13.79 0.90
CA GLY B 230 10.47 -14.55 1.76
C GLY B 230 9.52 -13.58 2.45
N CYS B 231 8.87 -14.00 3.55
CA CYS B 231 7.95 -13.17 4.32
C CYS B 231 8.16 -13.42 5.78
N ASP B 232 8.29 -12.34 6.57
CA ASP B 232 8.42 -12.43 8.02
C ASP B 232 9.59 -13.34 8.51
N ARG B 233 10.69 -13.39 7.75
CA ARG B 233 11.86 -14.18 8.15
C ARG B 233 12.67 -13.36 9.10
N ASP B 234 13.26 -14.01 10.14
CA ASP B 234 14.15 -13.37 11.11
C ASP B 234 15.38 -12.84 10.40
N GLY B 235 15.80 -11.64 10.79
CA GLY B 235 16.96 -10.98 10.19
C GLY B 235 16.72 -10.36 8.82
N LYS B 236 15.49 -10.50 8.26
CA LYS B 236 15.07 -9.93 6.97
C LYS B 236 13.97 -8.86 7.22
N TYR B 237 13.83 -7.93 6.27
CA TYR B 237 12.88 -6.83 6.38
C TYR B 237 12.15 -6.62 5.07
N GLY B 238 10.98 -6.01 5.14
CA GLY B 238 10.18 -5.66 3.98
C GLY B 238 10.72 -4.39 3.38
N PHE B 239 10.72 -4.30 2.03
CA PHE B 239 11.20 -3.10 1.35
C PHE B 239 10.05 -2.37 0.72
N TYR B 240 10.11 -1.04 0.81
CA TYR B 240 9.07 -0.16 0.37
C TYR B 240 9.58 0.91 -0.56
N THR B 241 8.78 1.25 -1.56
CA THR B 241 9.13 2.37 -2.45
C THR B 241 8.97 3.66 -1.61
N HIS B 242 9.97 4.57 -1.65
CA HIS B 242 9.97 5.86 -0.92
C HIS B 242 9.15 6.85 -1.73
N VAL B 243 7.88 7.05 -1.32
CA VAL B 243 6.91 7.89 -2.05
C VAL B 243 7.41 9.34 -2.24
N PHE B 244 7.87 9.98 -1.16
CA PHE B 244 8.35 11.37 -1.28
C PHE B 244 9.51 11.52 -2.30
N ARG B 245 10.46 10.59 -2.33
CA ARG B 245 11.58 10.66 -3.28
C ARG B 245 11.09 10.64 -4.72
N LEU B 246 9.89 10.08 -4.97
CA LEU B 246 9.39 9.99 -6.33
C LEU B 246 8.21 10.93 -6.59
N LYS B 247 7.99 11.89 -5.68
CA LYS B 247 6.87 12.83 -5.80
C LYS B 247 6.93 13.74 -7.03
N LYS B 248 8.13 14.15 -7.46
CA LYS B 248 8.26 14.99 -8.64
C LYS B 248 7.68 14.28 -9.86
N TRP B 249 7.96 12.95 -10.02
CA TRP B 249 7.39 12.15 -11.10
C TRP B 249 5.84 12.08 -10.97
N ILE B 250 5.36 11.82 -9.74
CA ILE B 250 3.91 11.74 -9.46
C ILE B 250 3.22 13.04 -9.91
N GLN B 251 3.76 14.18 -9.47
CA GLN B 251 3.23 15.52 -9.76
C GLN B 251 3.22 15.79 -11.26
N LYS B 252 4.35 15.50 -11.95
CA LYS B 252 4.51 15.65 -13.40
C LYS B 252 3.40 14.90 -14.15
N VAL B 253 3.19 13.61 -13.80
CA VAL B 253 2.14 12.77 -14.42
C VAL B 253 0.75 13.34 -14.17
N ILE B 254 0.46 13.77 -12.93
CA ILE B 254 -0.85 14.32 -12.59
C ILE B 254 -1.08 15.70 -13.26
N ASP B 255 -0.07 16.61 -13.25
CA ASP B 255 -0.16 17.91 -13.94
C ASP B 255 -0.46 17.68 -15.45
N GLN B 256 0.13 16.60 -16.01
CA GLN B 256 -0.03 16.02 -17.35
C GLN B 256 0.81 16.62 -18.45
N PHE B 257 -1.82 19.04 -19.57
N ASP C 3 -12.37 -18.70 -5.69
CA ASP C 3 -13.15 -18.36 -4.50
C ASP C 3 -13.72 -16.93 -4.49
N PHE C 4 -13.52 -16.17 -5.57
CA PHE C 4 -14.07 -14.82 -5.64
C PHE C 4 -15.50 -14.82 -6.11
N GLU C 5 -16.36 -14.10 -5.36
CA GLU C 5 -17.76 -13.98 -5.71
C GLU C 5 -17.88 -13.16 -6.96
N GLU C 6 -18.78 -13.58 -7.86
CA GLU C 6 -19.01 -12.90 -9.13
C GLU C 6 -19.43 -11.45 -8.86
N ILE C 7 -18.96 -10.56 -9.73
CA ILE C 7 -19.26 -9.15 -9.63
C ILE C 7 -20.31 -8.79 -10.70
N PRO C 8 -21.14 -7.74 -10.50
CA PRO C 8 -22.13 -7.36 -11.52
C PRO C 8 -21.55 -7.22 -12.93
N GLY C 9 -22.32 -7.73 -13.91
CA GLY C 9 -21.97 -7.74 -15.33
C GLY C 9 -21.56 -6.41 -15.89
N GLU C 10 -22.17 -5.30 -15.37
CA GLU C 10 -21.89 -3.91 -15.75
C GLU C 10 -20.39 -3.56 -15.66
N LEU C 12 -17.96 -5.51 -16.64
CA LEU C 12 -17.35 -6.33 -17.70
C LEU C 12 -16.75 -7.62 -17.17
#